data_4QLZ
#
_entry.id   4QLZ
#
_cell.length_a   76.080
_cell.length_b   76.080
_cell.length_c   123.410
_cell.angle_alpha   90.00
_cell.angle_beta   90.00
_cell.angle_gamma   120.00
#
_symmetry.space_group_name_H-M   'P 32'
#
loop_
_entity.id
_entity.type
_entity.pdbx_description
1 polymer 'SJCHGC07024 protein'
2 non-polymer 'COBALT (II) ION'
3 non-polymer 'PHOSPHATE ION'
4 water water
#
_entity_poly.entity_id   1
_entity_poly.type   'polypeptide(L)'
_entity_poly.pdbx_seq_one_letter_code
;MSVERGTSNSASYKMFLTHGGSPISYFHDVPLFADATNNCYNMIVEIPRWTNAKMEICKEELMNPIKHDVKNNKLRYIYN
VFPHKGYIWNYGALPQTWEDPSYVDEDTKAKGDNDPIDVCEIGSKIWPSGSVIPVKVLGILGMIDEGETDWKVIAINVAD
PMAEKLNDILDVDAHMPGFLKATRDWFKYYKVPAGKPENSFAFNGEFKNKEFAAKIISKTHEHWQKLISTKVEAGPIIRA
NVTVKGSPYMVSKEDFIDALQKHEDFKRGSEPTDQAIEQWHFCNTNI
;
_entity_poly.pdbx_strand_id   A,B
#
loop_
_chem_comp.id
_chem_comp.type
_chem_comp.name
_chem_comp.formula
CO non-polymer 'COBALT (II) ION' 'Co 2'
PO4 non-polymer 'PHOSPHATE ION' 'O4 P -3'
#
# COMPACT_ATOMS: atom_id res chain seq x y z
N MET A 1 19.44 -1.37 19.65
CA MET A 1 18.26 -0.50 19.78
C MET A 1 18.38 0.81 19.03
N SER A 2 17.34 1.17 18.28
CA SER A 2 17.30 2.47 17.61
C SER A 2 16.56 3.51 18.48
N VAL A 3 17.01 4.76 18.39
CA VAL A 3 16.60 5.84 19.29
C VAL A 3 16.32 7.10 18.49
N GLU A 4 15.26 7.83 18.83
CA GLU A 4 14.89 8.97 17.98
C GLU A 4 14.86 10.34 18.67
N ARG A 5 15.22 11.36 17.89
CA ARG A 5 15.26 12.74 18.36
C ARG A 5 14.66 13.68 17.32
N GLY A 6 14.33 14.89 17.72
CA GLY A 6 13.71 15.84 16.81
C GLY A 6 12.25 15.52 16.55
N THR A 7 11.62 16.32 15.71
CA THR A 7 10.20 16.20 15.46
C THR A 7 9.97 15.34 14.21
N SER A 8 9.15 14.30 14.35
CA SER A 8 8.92 13.37 13.24
C SER A 8 8.22 14.09 12.09
N ASN A 9 8.31 13.53 10.89
CA ASN A 9 7.73 14.14 9.70
C ASN A 9 8.24 15.57 9.51
N SER A 10 9.51 15.78 9.81
CA SER A 10 10.11 17.09 9.64
C SER A 10 11.60 16.88 9.41
N ALA A 11 12.27 17.94 8.96
CA ALA A 11 13.69 17.88 8.65
C ALA A 11 14.57 17.69 9.89
N SER A 12 14.04 17.99 11.08
CA SER A 12 14.85 17.86 12.29
C SER A 12 14.74 16.46 12.88
N TYR A 13 13.97 15.60 12.23
CA TYR A 13 13.88 14.21 12.67
C TYR A 13 15.19 13.45 12.42
N LYS A 14 15.72 12.81 13.46
CA LYS A 14 16.92 11.99 13.34
C LYS A 14 16.77 10.68 14.12
N MET A 15 17.09 9.56 13.48
CA MET A 15 17.09 8.26 14.16
C MET A 15 18.50 7.68 14.26
N PHE A 16 18.94 7.47 15.49
CA PHE A 16 20.26 6.96 15.76
C PHE A 16 20.26 5.49 16.19
N LEU A 17 21.32 4.77 15.86
CA LEU A 17 21.47 3.42 16.36
C LEU A 17 22.31 3.43 17.65
N THR A 18 21.90 2.65 18.65
CA THR A 18 22.68 2.49 19.88
C THR A 18 22.93 1.02 20.20
N HIS A 19 23.98 0.77 20.95
CA HIS A 19 24.16 -0.54 21.59
C HIS A 19 24.45 -0.30 23.06
N GLY A 20 23.55 -0.77 23.92
CA GLY A 20 23.73 -0.63 25.36
C GLY A 20 23.66 0.82 25.83
N GLY A 21 22.71 1.56 25.25
CA GLY A 21 22.53 2.96 25.58
C GLY A 21 23.64 3.84 25.02
N SER A 22 24.45 3.25 24.15
CA SER A 22 25.58 3.95 23.55
C SER A 22 25.47 3.98 22.02
N PRO A 23 25.27 5.17 21.45
CA PRO A 23 25.19 5.36 20.00
C PRO A 23 26.39 4.83 19.20
N ILE A 24 26.09 4.21 18.06
CA ILE A 24 27.10 3.81 17.09
C ILE A 24 26.63 4.22 15.71
N SER A 25 27.56 4.24 14.76
CA SER A 25 27.28 4.70 13.40
C SER A 25 26.56 3.66 12.53
N TYR A 26 25.38 4.02 12.02
CA TYR A 26 24.67 3.15 11.07
C TYR A 26 25.56 2.79 9.87
N PHE A 27 26.36 3.75 9.43
CA PHE A 27 27.20 3.65 8.25
C PHE A 27 28.44 2.77 8.52
N HIS A 28 29.16 3.09 9.59
CA HIS A 28 30.50 2.56 9.80
C HIS A 28 30.65 1.47 10.85
N ASP A 29 29.72 1.39 11.80
CA ASP A 29 29.92 0.57 12.99
C ASP A 29 29.12 -0.75 12.96
N VAL A 30 28.17 -0.89 12.04
CA VAL A 30 27.48 -2.16 11.86
C VAL A 30 28.28 -3.02 10.88
N PRO A 31 28.77 -4.18 11.33
CA PRO A 31 29.56 -5.07 10.46
C PRO A 31 28.77 -5.52 9.22
N LEU A 32 29.45 -5.54 8.07
CA LEU A 32 28.84 -5.96 6.81
C LEU A 32 28.34 -7.41 6.86
N PHE A 33 29.09 -8.29 7.51
CA PHE A 33 28.65 -9.66 7.66
C PHE A 33 28.08 -9.86 9.05
N ALA A 34 26.85 -10.35 9.11
CA ALA A 34 26.26 -10.75 10.37
C ALA A 34 26.85 -12.08 10.80
N ASP A 35 27.42 -12.82 9.85
CA ASP A 35 27.94 -14.15 10.13
C ASP A 35 29.03 -14.55 9.12
N ALA A 36 30.22 -13.92 9.22
CA ALA A 36 31.38 -14.18 8.35
C ALA A 36 31.06 -14.50 6.87
N THR A 37 31.93 -15.26 6.20
CA THR A 37 31.59 -15.75 4.86
C THR A 37 30.79 -17.05 5.05
N ASN A 38 30.08 -17.10 6.18
CA ASN A 38 28.86 -17.90 6.28
C ASN A 38 27.75 -17.00 5.69
N ASN A 39 27.65 -17.02 4.36
CA ASN A 39 26.52 -16.49 3.59
C ASN A 39 25.59 -15.37 4.13
N CYS A 40 26.00 -14.55 5.08
CA CYS A 40 24.98 -13.70 5.74
C CYS A 40 25.39 -12.25 5.99
N TYR A 41 24.52 -11.33 5.59
CA TYR A 41 24.84 -9.90 5.61
C TYR A 41 23.92 -9.11 6.52
N ASN A 42 24.44 -8.04 7.12
CA ASN A 42 23.60 -7.10 7.85
C ASN A 42 23.00 -6.10 6.90
N MET A 43 21.71 -5.86 7.04
CA MET A 43 21.06 -4.83 6.25
C MET A 43 20.44 -3.81 7.19
N ILE A 44 20.79 -2.55 6.98
CA ILE A 44 20.09 -1.43 7.58
C ILE A 44 18.79 -1.18 6.78
N VAL A 45 17.63 -1.35 7.42
CA VAL A 45 16.38 -0.99 6.76
C VAL A 45 16.10 0.50 6.85
N GLU A 46 16.07 1.18 5.71
CA GLU A 46 15.74 2.61 5.69
C GLU A 46 14.24 2.84 5.46
N ILE A 47 13.63 2.04 4.60
CA ILE A 47 12.29 2.30 4.10
C ILE A 47 11.42 1.02 4.13
N PRO A 48 10.41 0.99 5.02
CA PRO A 48 9.45 -0.13 5.04
C PRO A 48 8.68 -0.27 3.71
N ARG A 49 8.32 -1.50 3.36
CA ARG A 49 7.55 -1.75 2.15
C ARG A 49 6.23 -0.99 2.21
N TRP A 50 5.84 -0.43 1.06
CA TRP A 50 4.58 0.25 0.83
C TRP A 50 4.49 1.62 1.54
N THR A 51 5.65 2.17 1.91
CA THR A 51 5.70 3.57 2.35
C THR A 51 6.31 4.42 1.24
N ASN A 52 6.18 5.75 1.39
CA ASN A 52 6.64 6.68 0.35
C ASN A 52 7.75 7.63 0.77
N ALA A 53 7.92 7.81 2.08
CA ALA A 53 8.92 8.74 2.60
C ALA A 53 10.32 8.18 2.35
N LYS A 54 11.17 8.98 1.70
CA LYS A 54 12.55 8.57 1.41
C LYS A 54 13.46 8.83 2.63
N MET A 55 13.56 7.85 3.52
CA MET A 55 14.53 7.90 4.61
C MET A 55 15.89 7.49 4.06
N GLU A 56 16.96 8.06 4.59
CA GLU A 56 18.30 7.51 4.35
C GLU A 56 19.29 7.89 5.44
N ILE A 57 20.26 7.01 5.64
CA ILE A 57 21.45 7.31 6.42
C ILE A 57 22.07 8.61 5.91
N CYS A 58 22.50 9.46 6.85
CA CYS A 58 22.84 10.83 6.52
C CYS A 58 24.29 11.16 6.10
N LYS A 59 25.21 10.22 6.15
CA LYS A 59 26.62 10.46 5.71
C LYS A 59 27.30 11.78 6.16
N GLU A 60 26.58 12.90 6.18
CA GLU A 60 27.21 14.20 6.48
C GLU A 60 27.00 14.67 7.92
N GLU A 61 26.49 13.78 8.76
CA GLU A 61 26.28 14.10 10.16
C GLU A 61 26.88 13.04 11.08
N LEU A 62 27.50 13.50 12.17
CA LEU A 62 28.11 12.61 13.14
C LEU A 62 27.12 11.55 13.60
N MET A 63 27.61 10.31 13.65
CA MET A 63 26.84 9.10 14.01
C MET A 63 25.97 8.62 12.83
N ASN A 64 25.97 9.37 11.73
CA ASN A 64 25.19 9.00 10.53
C ASN A 64 23.76 8.52 10.82
N PRO A 65 22.92 9.37 11.43
CA PRO A 65 21.55 8.94 11.69
C PRO A 65 20.75 8.78 10.41
N ILE A 66 19.62 8.10 10.50
CA ILE A 66 18.66 8.09 9.40
C ILE A 66 17.79 9.34 9.51
N LYS A 67 17.55 9.99 8.37
CA LYS A 67 16.69 11.17 8.32
C LYS A 67 15.93 11.29 7.00
N HIS A 68 15.05 12.26 6.92
CA HIS A 68 14.30 12.45 5.69
C HIS A 68 15.22 13.03 4.64
N ASP A 69 15.19 12.46 3.45
CA ASP A 69 15.86 13.10 2.34
C ASP A 69 15.12 14.43 2.10
N VAL A 70 15.81 15.41 1.53
CA VAL A 70 15.17 16.69 1.25
C VAL A 70 15.58 17.23 -0.13
N LYS A 71 14.59 17.58 -0.95
CA LYS A 71 14.87 18.40 -2.14
C LYS A 71 13.88 19.56 -2.27
N ASN A 72 14.39 20.70 -2.75
CA ASN A 72 13.57 21.90 -2.95
C ASN A 72 13.05 22.42 -1.61
N ASN A 73 13.85 22.21 -0.57
CA ASN A 73 13.54 22.60 0.81
C ASN A 73 12.28 21.98 1.42
N LYS A 74 11.92 20.79 0.95
CA LYS A 74 10.82 20.04 1.53
C LYS A 74 11.12 18.54 1.57
N LEU A 75 10.38 17.81 2.41
CA LEU A 75 10.61 16.37 2.56
C LEU A 75 10.28 15.63 1.29
N ARG A 76 11.19 14.77 0.86
CA ARG A 76 11.05 13.99 -0.35
C ARG A 76 10.22 12.74 -0.15
N TYR A 77 9.18 12.61 -0.97
CA TYR A 77 8.31 11.44 -0.99
C TYR A 77 8.34 10.83 -2.39
N ILE A 78 8.45 9.52 -2.47
CA ILE A 78 8.44 8.84 -3.76
C ILE A 78 7.01 8.81 -4.35
N TYR A 79 6.94 8.79 -5.67
CA TYR A 79 5.67 8.64 -6.37
C TYR A 79 5.17 7.21 -6.38
N ASN A 80 3.85 7.06 -6.42
CA ASN A 80 3.21 5.79 -6.75
C ASN A 80 3.11 5.73 -8.27
N VAL A 81 3.88 4.81 -8.85
CA VAL A 81 3.87 4.59 -10.28
C VAL A 81 3.12 3.29 -10.56
N PHE A 82 2.01 3.39 -11.27
CA PHE A 82 1.11 2.26 -11.42
C PHE A 82 1.87 1.06 -11.96
N PRO A 83 1.66 -0.13 -11.37
CA PRO A 83 0.66 -0.48 -10.36
C PRO A 83 1.20 -0.49 -8.91
N HIS A 84 2.38 0.09 -8.71
CA HIS A 84 3.03 -0.03 -7.42
C HIS A 84 2.64 1.08 -6.45
N LYS A 85 2.70 0.71 -5.18
CA LYS A 85 2.40 1.59 -4.06
C LYS A 85 3.70 1.81 -3.29
N GLY A 86 4.26 2.99 -3.41
CA GLY A 86 5.51 3.35 -2.76
C GLY A 86 6.62 2.38 -3.10
N TYR A 87 7.48 2.09 -2.12
CA TYR A 87 8.51 1.07 -2.29
C TYR A 87 7.88 -0.31 -2.21
N ILE A 88 8.20 -1.17 -3.16
CA ILE A 88 7.58 -2.48 -3.20
C ILE A 88 8.46 -3.55 -2.57
N TRP A 89 9.53 -3.12 -1.90
CA TRP A 89 10.38 -3.97 -1.05
C TRP A 89 10.69 -3.17 0.19
N ASN A 90 11.18 -3.83 1.25
CA ASN A 90 11.89 -3.13 2.31
C ASN A 90 13.22 -2.68 1.72
N TYR A 91 13.44 -1.37 1.72
CA TYR A 91 14.54 -0.79 0.98
C TYR A 91 15.55 -0.22 1.95
N GLY A 92 16.82 -0.35 1.60
CA GLY A 92 17.86 0.07 2.52
C GLY A 92 19.24 -0.12 1.95
N ALA A 93 20.16 -0.52 2.81
CA ALA A 93 21.57 -0.49 2.47
C ALA A 93 22.40 -1.47 3.29
N LEU A 94 23.53 -1.84 2.73
CA LEU A 94 24.54 -2.59 3.44
C LEU A 94 25.51 -1.61 4.11
N PRO A 95 25.71 -1.78 5.43
CA PRO A 95 26.70 -0.99 6.19
C PRO A 95 28.14 -1.32 5.74
N GLN A 96 29.06 -0.37 5.95
CA GLN A 96 30.46 -0.49 5.56
C GLN A 96 30.61 -0.81 4.07
N THR A 97 29.79 -0.17 3.23
CA THR A 97 30.01 -0.21 1.79
C THR A 97 29.98 1.20 1.21
N TRP A 98 30.54 1.38 0.02
CA TRP A 98 30.59 2.70 -0.65
C TRP A 98 30.67 2.65 -2.20
N GLU A 99 29.63 3.13 -2.88
CA GLU A 99 29.71 3.38 -4.33
C GLU A 99 30.63 4.59 -4.57
N ASP A 100 31.94 4.32 -4.59
CA ASP A 100 32.96 5.34 -4.76
C ASP A 100 32.72 6.22 -6.00
N PRO A 101 32.49 7.52 -5.78
CA PRO A 101 32.24 8.49 -6.85
C PRO A 101 33.46 8.76 -7.74
N SER A 102 34.63 8.27 -7.36
CA SER A 102 35.78 8.45 -8.23
C SER A 102 36.05 7.15 -8.99
N TYR A 103 35.20 6.14 -8.79
CA TYR A 103 35.44 4.84 -9.40
C TYR A 103 34.49 4.56 -10.56
N VAL A 104 35.07 4.32 -11.74
CA VAL A 104 34.28 3.92 -12.91
C VAL A 104 34.17 2.40 -13.00
N ASP A 105 32.94 1.91 -13.07
CA ASP A 105 32.68 0.47 -13.19
C ASP A 105 32.71 0.06 -14.66
N GLU A 106 33.39 -1.06 -14.97
CA GLU A 106 33.54 -1.52 -16.36
C GLU A 106 32.20 -1.86 -17.03
N ASP A 107 31.18 -2.19 -16.23
CA ASP A 107 29.94 -2.70 -16.79
C ASP A 107 28.82 -1.65 -16.88
N THR A 108 28.88 -0.63 -16.04
CA THR A 108 27.96 0.49 -16.16
C THR A 108 28.64 1.66 -16.85
N LYS A 109 29.98 1.60 -16.92
CA LYS A 109 30.79 2.69 -17.48
C LYS A 109 30.44 4.05 -16.86
N ALA A 110 30.29 4.06 -15.54
CA ALA A 110 29.87 5.26 -14.82
C ALA A 110 30.42 5.24 -13.40
N LYS A 111 30.42 6.40 -12.75
CA LYS A 111 30.94 6.54 -11.38
C LYS A 111 29.86 6.34 -10.29
N GLY A 112 30.30 6.03 -9.08
CA GLY A 112 29.38 5.67 -8.00
C GLY A 112 28.54 6.82 -7.46
N ASP A 113 27.40 6.49 -6.85
CA ASP A 113 26.49 7.54 -6.39
C ASP A 113 26.80 8.02 -4.97
N ASN A 114 28.02 7.76 -4.50
CA ASN A 114 28.56 8.29 -3.23
C ASN A 114 27.84 7.79 -1.96
N ASP A 115 27.06 6.72 -2.09
CA ASP A 115 26.29 6.18 -1.00
C ASP A 115 26.65 4.72 -0.84
N PRO A 116 26.33 4.13 0.33
CA PRO A 116 26.49 2.66 0.44
C PRO A 116 25.57 1.93 -0.52
N ILE A 117 25.87 0.65 -0.73
CA ILE A 117 25.20 -0.12 -1.75
C ILE A 117 23.77 -0.40 -1.29
N ASP A 118 22.85 -0.34 -2.26
CA ASP A 118 21.44 -0.46 -1.96
C ASP A 118 20.93 -1.89 -1.94
N VAL A 119 19.87 -2.11 -1.17
CA VAL A 119 19.28 -3.43 -1.03
C VAL A 119 17.78 -3.39 -1.16
N CYS A 120 17.24 -4.36 -1.89
CA CYS A 120 15.80 -4.61 -1.86
C CYS A 120 15.56 -5.94 -1.15
N GLU A 121 15.00 -5.87 0.06
CA GLU A 121 14.65 -7.08 0.79
C GLU A 121 13.18 -7.46 0.51
N ILE A 122 12.97 -8.71 0.15
CA ILE A 122 11.72 -9.13 -0.49
C ILE A 122 10.85 -10.05 0.36
N GLY A 123 11.20 -10.20 1.63
CA GLY A 123 10.43 -11.07 2.50
C GLY A 123 9.06 -10.48 2.80
N SER A 124 8.23 -11.28 3.46
CA SER A 124 6.84 -10.95 3.79
C SER A 124 6.69 -9.85 4.83
N LYS A 125 7.60 -9.84 5.80
CA LYS A 125 7.49 -8.94 6.92
C LYS A 125 7.81 -7.52 6.52
N ILE A 126 6.99 -6.60 6.99
CA ILE A 126 7.29 -5.20 6.77
C ILE A 126 8.14 -4.70 7.92
N TRP A 127 9.36 -4.29 7.61
CA TRP A 127 10.32 -3.84 8.61
C TRP A 127 10.31 -2.32 8.81
N PRO A 128 10.22 -1.89 10.07
CA PRO A 128 10.26 -0.45 10.36
C PRO A 128 11.60 0.14 10.02
N SER A 129 11.62 1.44 9.73
CA SER A 129 12.85 2.15 9.45
C SER A 129 13.75 2.07 10.67
N GLY A 130 15.04 1.85 10.44
CA GLY A 130 15.99 1.72 11.53
C GLY A 130 16.32 0.29 11.90
N SER A 131 15.55 -0.69 11.41
CA SER A 131 15.85 -2.11 11.71
C SER A 131 17.19 -2.54 11.11
N VAL A 132 17.88 -3.44 11.81
CA VAL A 132 19.08 -4.04 11.25
C VAL A 132 18.78 -5.53 11.10
N ILE A 133 18.90 -6.02 9.86
CA ILE A 133 18.40 -7.33 9.46
C ILE A 133 19.48 -8.20 8.80
N PRO A 134 19.60 -9.46 9.25
CA PRO A 134 20.39 -10.49 8.57
C PRO A 134 19.70 -10.97 7.30
N VAL A 135 20.38 -10.87 6.16
CA VAL A 135 19.76 -11.24 4.90
C VAL A 135 20.67 -12.12 4.07
N LYS A 136 20.06 -12.97 3.27
CA LYS A 136 20.80 -13.67 2.26
C LYS A 136 20.64 -12.95 0.93
N VAL A 137 21.77 -12.80 0.23
CA VAL A 137 21.82 -12.16 -1.07
C VAL A 137 21.42 -13.14 -2.15
N LEU A 138 20.60 -12.71 -3.10
CA LEU A 138 20.18 -13.62 -4.17
C LEU A 138 20.59 -13.13 -5.56
N GLY A 139 20.88 -11.83 -5.68
CA GLY A 139 21.17 -11.23 -6.98
C GLY A 139 21.37 -9.71 -6.89
N ILE A 140 21.47 -9.06 -8.05
CA ILE A 140 21.91 -7.67 -8.15
C ILE A 140 21.34 -7.12 -9.47
N LEU A 141 20.97 -5.85 -9.49
CA LEU A 141 20.51 -5.19 -10.68
C LEU A 141 21.44 -4.01 -10.94
N GLY A 142 21.99 -3.94 -12.15
CA GLY A 142 22.96 -2.91 -12.47
C GLY A 142 22.35 -1.59 -12.87
N MET A 143 21.66 -0.93 -11.93
CA MET A 143 20.94 0.28 -12.27
C MET A 143 21.86 1.49 -12.36
N ILE A 144 21.64 2.28 -13.38
CA ILE A 144 22.35 3.52 -13.56
C ILE A 144 21.35 4.64 -13.27
N ASP A 145 21.46 5.19 -12.07
CA ASP A 145 20.53 6.19 -11.53
C ASP A 145 20.96 7.60 -11.90
N GLU A 146 20.28 8.20 -12.88
CA GLU A 146 20.69 9.50 -13.45
C GLU A 146 22.19 9.56 -13.74
N GLY A 147 22.73 8.48 -14.30
CA GLY A 147 24.10 8.47 -14.76
C GLY A 147 25.13 8.01 -13.74
N GLU A 148 24.68 7.61 -12.56
CA GLU A 148 25.59 7.13 -11.53
C GLU A 148 25.36 5.63 -11.23
N THR A 149 26.46 4.90 -11.05
CA THR A 149 26.40 3.48 -10.66
C THR A 149 25.60 3.32 -9.38
N ASP A 150 24.60 2.46 -9.43
CA ASP A 150 23.67 2.40 -8.32
C ASP A 150 23.09 1.03 -8.19
N TRP A 151 24.00 0.04 -8.19
CA TRP A 151 23.66 -1.37 -7.99
C TRP A 151 22.57 -1.56 -6.92
N LYS A 152 21.62 -2.43 -7.21
CA LYS A 152 20.59 -2.75 -6.25
C LYS A 152 20.63 -4.23 -5.92
N VAL A 153 21.08 -4.57 -4.71
CA VAL A 153 21.12 -5.95 -4.27
C VAL A 153 19.72 -6.46 -4.02
N ILE A 154 19.47 -7.69 -4.44
CA ILE A 154 18.23 -8.37 -4.13
C ILE A 154 18.51 -9.39 -3.05
N ALA A 155 17.73 -9.35 -1.98
CA ALA A 155 18.04 -10.12 -0.80
C ALA A 155 16.80 -10.54 -0.04
N ILE A 156 16.94 -11.51 0.84
CA ILE A 156 15.82 -11.85 1.69
C ILE A 156 16.27 -12.12 3.13
N ASN A 157 15.47 -11.61 4.06
CA ASN A 157 15.62 -11.89 5.48
C ASN A 157 15.73 -13.41 5.75
N VAL A 158 16.78 -13.82 6.47
CA VAL A 158 17.07 -15.24 6.62
C VAL A 158 16.06 -16.00 7.48
N ALA A 159 15.15 -15.30 8.17
CA ALA A 159 14.14 -15.98 8.99
C ALA A 159 12.80 -16.11 8.26
N ASP A 160 12.66 -15.42 7.13
CA ASP A 160 11.48 -15.60 6.29
C ASP A 160 11.34 -17.07 5.90
N PRO A 161 10.12 -17.60 5.89
CA PRO A 161 9.96 -19.00 5.47
C PRO A 161 10.36 -19.25 4.01
N MET A 162 10.29 -18.24 3.14
CA MET A 162 10.81 -18.40 1.77
C MET A 162 12.34 -18.47 1.71
N ALA A 163 13.02 -18.05 2.79
CA ALA A 163 14.45 -17.76 2.82
C ALA A 163 15.31 -18.75 2.05
N GLU A 164 15.14 -20.06 2.24
CA GLU A 164 15.62 -20.86 1.13
C GLU A 164 14.78 -22.03 0.71
N LYS A 165 13.64 -21.65 0.13
CA LYS A 165 13.20 -22.24 -1.12
C LYS A 165 13.91 -21.38 -2.18
N LEU A 166 14.35 -20.20 -1.74
CA LEU A 166 15.02 -19.23 -2.60
C LEU A 166 16.53 -19.22 -2.38
N ASN A 167 17.30 -19.87 -3.24
CA ASN A 167 18.74 -19.83 -3.03
C ASN A 167 19.52 -18.97 -4.03
N ASP A 168 18.98 -18.79 -5.24
CA ASP A 168 19.58 -17.90 -6.22
C ASP A 168 18.50 -17.16 -7.00
N ILE A 169 18.93 -16.23 -7.84
CA ILE A 169 18.02 -15.25 -8.44
C ILE A 169 17.00 -15.93 -9.33
N LEU A 170 17.41 -17.04 -9.93
CA LEU A 170 16.53 -17.82 -10.78
C LEU A 170 15.36 -18.38 -9.98
N ASP A 171 15.59 -18.66 -8.69
CA ASP A 171 14.55 -19.20 -7.83
C ASP A 171 13.50 -18.14 -7.54
N VAL A 172 13.95 -16.89 -7.48
CA VAL A 172 13.06 -15.78 -7.26
C VAL A 172 12.06 -15.67 -8.40
N ASP A 173 12.57 -15.80 -9.63
CA ASP A 173 11.73 -15.67 -10.80
C ASP A 173 10.70 -16.80 -10.84
N ALA A 174 11.12 -18.00 -10.39
CA ALA A 174 10.23 -19.14 -10.40
C ALA A 174 9.05 -18.92 -9.42
N HIS A 175 9.36 -18.68 -8.15
CA HIS A 175 8.33 -18.57 -7.13
C HIS A 175 7.60 -17.22 -7.14
N MET A 176 8.25 -16.17 -7.62
CA MET A 176 7.62 -14.85 -7.67
C MET A 176 7.53 -14.31 -9.09
N PRO A 177 6.71 -14.95 -9.93
CA PRO A 177 6.67 -14.51 -11.34
C PRO A 177 6.23 -13.06 -11.45
N GLY A 178 6.91 -12.31 -12.31
CA GLY A 178 6.62 -10.91 -12.54
C GLY A 178 7.40 -9.97 -11.66
N PHE A 179 7.86 -10.50 -10.53
CA PHE A 179 8.51 -9.67 -9.52
C PHE A 179 9.78 -8.99 -10.02
N LEU A 180 10.59 -9.72 -10.77
CA LEU A 180 11.86 -9.14 -11.22
C LEU A 180 11.64 -8.03 -12.22
N LYS A 181 10.77 -8.29 -13.20
CA LYS A 181 10.42 -7.26 -14.17
C LYS A 181 9.81 -6.04 -13.48
N ALA A 182 8.90 -6.27 -12.53
CA ALA A 182 8.25 -5.14 -11.88
C ALA A 182 9.32 -4.33 -11.13
N THR A 183 10.33 -5.04 -10.66
CA THR A 183 11.42 -4.38 -9.92
C THR A 183 12.30 -3.51 -10.82
N ARG A 184 12.69 -4.02 -11.98
CA ARG A 184 13.35 -3.14 -12.97
C ARG A 184 12.45 -1.98 -13.44
N ASP A 185 11.15 -2.21 -13.60
CA ASP A 185 10.22 -1.16 -14.02
C ASP A 185 10.19 -0.02 -13.00
N TRP A 186 10.13 -0.41 -11.74
CA TRP A 186 10.12 0.51 -10.62
C TRP A 186 11.28 1.47 -10.75
N PHE A 187 12.48 0.92 -10.85
CA PHE A 187 13.69 1.75 -10.90
C PHE A 187 13.80 2.48 -12.23
N LYS A 188 13.14 1.96 -13.26
CA LYS A 188 13.23 2.60 -14.56
C LYS A 188 12.51 3.93 -14.58
N TYR A 189 11.27 3.92 -14.07
CA TYR A 189 10.35 5.04 -14.19
C TYR A 189 10.15 5.92 -12.96
N TYR A 190 10.79 5.61 -11.83
CA TYR A 190 10.33 6.18 -10.57
C TYR A 190 10.55 7.70 -10.46
N LYS A 191 11.35 8.26 -11.35
CA LYS A 191 11.58 9.71 -11.34
C LYS A 191 10.91 10.42 -12.52
N VAL A 192 10.25 9.65 -13.38
CA VAL A 192 9.53 10.26 -14.50
C VAL A 192 8.41 11.24 -14.08
N PRO A 193 7.69 10.97 -12.96
CA PRO A 193 6.72 12.04 -12.59
C PRO A 193 7.37 13.33 -12.07
N ALA A 194 8.68 13.32 -11.86
CA ALA A 194 9.41 14.51 -11.44
C ALA A 194 10.00 15.24 -12.65
N GLY A 195 9.75 14.72 -13.85
CA GLY A 195 10.23 15.35 -15.08
C GLY A 195 11.58 14.83 -15.54
N LYS A 196 12.20 13.99 -14.73
CA LYS A 196 13.51 13.44 -15.02
C LYS A 196 13.44 12.29 -16.03
N PRO A 197 14.56 11.96 -16.66
CA PRO A 197 14.46 10.87 -17.63
C PRO A 197 14.33 9.48 -17.01
N GLU A 198 13.98 8.50 -17.84
CA GLU A 198 14.02 7.10 -17.47
C GLU A 198 15.44 6.71 -17.05
N ASN A 199 15.58 5.85 -16.07
CA ASN A 199 16.91 5.35 -15.77
C ASN A 199 17.24 4.20 -16.70
N SER A 200 18.52 3.92 -16.89
CA SER A 200 18.92 2.75 -17.67
C SER A 200 19.67 1.73 -16.80
N PHE A 201 20.22 0.71 -17.44
CA PHE A 201 20.71 -0.48 -16.73
C PHE A 201 21.92 -1.14 -17.38
N ALA A 202 22.80 -1.70 -16.56
CA ALA A 202 23.87 -2.57 -17.06
C ALA A 202 23.29 -3.90 -17.59
N PHE A 203 24.06 -4.55 -18.48
CA PHE A 203 23.67 -5.81 -19.13
C PHE A 203 22.23 -5.79 -19.64
N ASN A 204 21.82 -4.66 -20.23
CA ASN A 204 20.50 -4.53 -20.85
C ASN A 204 19.33 -4.91 -19.93
N GLY A 205 19.52 -4.74 -18.63
CA GLY A 205 18.47 -5.01 -17.67
C GLY A 205 18.57 -6.35 -16.94
N GLU A 206 19.57 -7.16 -17.28
CA GLU A 206 19.67 -8.50 -16.70
C GLU A 206 20.00 -8.51 -15.20
N PHE A 207 19.17 -9.19 -14.41
CA PHE A 207 19.55 -9.52 -13.02
C PHE A 207 20.68 -10.57 -13.00
N LYS A 208 21.78 -10.25 -12.30
CA LYS A 208 22.91 -11.16 -12.17
C LYS A 208 22.77 -12.02 -10.90
N ASN A 209 23.25 -13.25 -10.96
CA ASN A 209 23.07 -14.16 -9.83
C ASN A 209 23.86 -13.73 -8.60
N LYS A 210 23.72 -14.48 -7.51
CA LYS A 210 24.24 -14.06 -6.23
C LYS A 210 25.76 -14.10 -6.17
N GLU A 211 26.35 -14.98 -6.97
CA GLU A 211 27.81 -15.05 -7.05
C GLU A 211 28.37 -13.74 -7.60
N PHE A 212 27.70 -13.17 -8.60
CA PHE A 212 28.12 -11.89 -9.14
C PHE A 212 27.84 -10.81 -8.12
N ALA A 213 26.66 -10.88 -7.51
CA ALA A 213 26.25 -9.96 -6.46
C ALA A 213 27.30 -9.87 -5.35
N ALA A 214 27.79 -11.01 -4.85
CA ALA A 214 28.69 -10.94 -3.70
C ALA A 214 30.03 -10.32 -4.09
N LYS A 215 30.37 -10.48 -5.36
CA LYS A 215 31.58 -9.88 -5.90
C LYS A 215 31.49 -8.36 -5.89
N ILE A 216 30.33 -7.82 -6.27
CA ILE A 216 30.17 -6.37 -6.35
C ILE A 216 30.16 -5.77 -4.95
N ILE A 217 29.49 -6.46 -4.04
CA ILE A 217 29.41 -6.06 -2.64
C ILE A 217 30.81 -5.98 -2.01
N SER A 218 31.62 -7.02 -2.21
CA SER A 218 33.02 -7.03 -1.76
C SER A 218 33.77 -5.79 -2.21
N LYS A 219 33.62 -5.49 -3.51
CA LYS A 219 34.24 -4.32 -4.09
C LYS A 219 33.77 -3.04 -3.38
N THR A 220 32.47 -2.92 -3.13
CA THR A 220 31.96 -1.74 -2.45
C THR A 220 32.44 -1.74 -0.99
N HIS A 221 32.62 -2.93 -0.42
CA HIS A 221 33.21 -3.03 0.91
C HIS A 221 34.70 -2.57 0.91
N GLU A 222 35.46 -2.99 -0.09
CA GLU A 222 36.88 -2.58 -0.18
C GLU A 222 36.97 -1.07 -0.35
N HIS A 223 36.03 -0.46 -1.05
CA HIS A 223 36.04 0.99 -1.17
C HIS A 223 35.76 1.64 0.18
N TRP A 224 34.78 1.12 0.92
CA TRP A 224 34.50 1.65 2.25
C TRP A 224 35.72 1.47 3.14
N GLN A 225 36.38 0.33 2.97
CA GLN A 225 37.56 0.10 3.77
C GLN A 225 38.58 1.16 3.45
N LYS A 226 38.70 1.56 2.18
CA LYS A 226 39.65 2.62 1.84
C LYS A 226 39.20 3.97 2.41
N LEU A 227 37.91 4.26 2.38
CA LEU A 227 37.36 5.53 2.86
C LEU A 227 37.66 5.70 4.32
N ILE A 228 37.49 4.61 5.05
CA ILE A 228 37.64 4.66 6.47
C ILE A 228 39.07 4.30 6.84
N SER A 229 39.76 3.49 6.02
CA SER A 229 41.08 2.96 6.39
C SER A 229 42.04 4.03 6.74
N THR A 230 41.80 4.70 7.88
CA THR A 230 42.65 5.78 8.33
C THR A 230 43.10 6.67 7.19
N LYS A 231 42.45 6.54 6.03
CA LYS A 231 42.92 7.18 4.83
C LYS A 231 42.66 8.63 5.01
N VAL A 232 43.76 9.33 5.28
CA VAL A 232 43.77 10.74 5.61
C VAL A 232 43.61 11.54 4.31
N GLU A 233 42.43 11.43 3.73
CA GLU A 233 42.18 12.09 2.47
C GLU A 233 40.78 12.67 2.46
N ALA A 234 40.69 13.99 2.20
CA ALA A 234 39.43 14.73 2.26
C ALA A 234 38.57 14.56 1.03
N GLY A 235 37.98 13.39 0.93
CA GLY A 235 36.72 13.24 0.24
C GLY A 235 35.49 13.45 1.14
N PRO A 236 35.67 13.86 2.42
CA PRO A 236 34.47 14.33 3.11
C PRO A 236 33.53 15.36 2.46
N ILE A 237 32.86 16.05 3.34
CA ILE A 237 31.46 16.30 3.40
C ILE A 237 30.99 15.02 4.21
N ILE A 238 31.33 13.82 3.75
CA ILE A 238 31.14 12.56 4.50
C ILE A 238 31.89 12.55 5.83
N ARG A 239 31.18 12.31 6.92
CA ARG A 239 31.83 12.07 8.20
C ARG A 239 32.16 10.58 8.36
N ALA A 240 33.45 10.28 8.38
CA ALA A 240 33.98 8.94 8.34
C ALA A 240 34.08 8.37 9.74
N ASN A 241 33.54 9.09 10.69
CA ASN A 241 33.68 8.77 12.08
C ASN A 241 33.06 7.47 12.57
N VAL A 242 33.67 6.87 13.58
CA VAL A 242 33.47 5.45 13.83
C VAL A 242 33.22 4.96 15.25
N THR A 243 34.05 5.24 16.21
CA THR A 243 33.86 4.55 17.50
C THR A 243 34.03 3.08 17.27
N VAL A 244 34.29 2.30 18.30
CA VAL A 244 34.06 2.71 19.68
C VAL A 244 35.29 2.79 20.60
N LYS A 245 35.35 1.80 21.50
CA LYS A 245 36.50 1.45 22.33
C LYS A 245 36.90 0.07 21.84
N GLY A 246 37.06 -0.04 20.52
CA GLY A 246 37.25 -1.30 19.83
C GLY A 246 36.29 -1.54 18.66
N SER A 247 36.00 -0.50 17.85
CA SER A 247 35.12 -0.67 16.67
C SER A 247 35.83 -0.82 15.37
N PRO A 248 35.91 0.24 14.59
CA PRO A 248 36.65 0.13 13.35
C PRO A 248 38.14 0.20 13.60
N TYR A 249 38.71 -1.00 13.67
CA TYR A 249 40.17 -1.22 13.77
C TYR A 249 40.98 -0.06 14.29
N MET A 250 41.80 0.48 13.39
CA MET A 250 42.61 1.65 13.64
C MET A 250 42.40 2.65 12.52
N VAL A 251 41.14 2.90 12.19
CA VAL A 251 40.76 4.03 11.37
C VAL A 251 41.19 5.32 12.06
N SER A 252 41.76 6.25 11.30
CA SER A 252 42.17 7.55 11.84
C SER A 252 40.98 8.36 12.37
N LYS A 253 39.80 7.97 11.92
CA LYS A 253 38.56 8.68 12.19
C LYS A 253 37.79 8.07 13.37
N GLU A 254 38.37 7.10 14.05
CA GLU A 254 37.76 6.58 15.29
C GLU A 254 37.80 7.62 16.39
N ASP A 255 36.84 7.55 17.31
CA ASP A 255 36.95 8.29 18.56
C ASP A 255 36.33 7.53 19.73
N PHE A 256 36.43 8.16 20.90
CA PHE A 256 36.03 7.59 22.18
C PHE A 256 34.52 7.51 22.24
N ILE A 257 33.90 8.11 23.23
CA ILE A 257 32.52 8.40 22.98
C ILE A 257 32.19 9.87 23.26
N ASP A 258 32.53 10.63 22.23
CA ASP A 258 32.01 11.95 21.98
C ASP A 258 30.57 11.78 21.46
N ALA A 259 30.20 10.54 21.11
CA ALA A 259 28.92 10.27 20.48
C ALA A 259 27.79 10.39 21.50
N LEU A 260 27.98 9.79 22.69
CA LEU A 260 27.03 9.96 23.78
C LEU A 260 26.82 11.44 24.07
N GLN A 261 27.92 12.18 24.16
CA GLN A 261 27.88 13.62 24.43
C GLN A 261 26.91 14.36 23.49
N LYS A 262 26.67 13.83 22.30
CA LYS A 262 25.67 14.46 21.45
C LYS A 262 24.23 14.19 21.89
N HIS A 263 23.80 15.00 22.87
CA HIS A 263 22.39 15.18 23.18
C HIS A 263 21.78 16.22 22.29
N GLU A 264 20.67 15.88 21.64
CA GLU A 264 19.95 16.89 20.88
C GLU A 264 18.43 16.79 21.01
N ASP A 265 17.78 17.93 20.76
CA ASP A 265 16.36 18.03 20.40
C ASP A 265 15.27 17.31 21.23
N PHE A 266 15.47 16.04 21.57
CA PHE A 266 14.42 15.20 22.19
C PHE A 266 13.24 14.94 21.26
N LYS A 267 12.75 13.71 21.29
CA LYS A 267 11.69 13.26 20.40
C LYS A 267 10.42 14.10 20.54
N ARG A 268 9.67 14.23 19.45
CA ARG A 268 8.38 14.90 19.45
C ARG A 268 7.49 14.35 18.35
N GLY A 269 6.21 14.13 18.65
CA GLY A 269 5.24 13.65 17.68
C GLY A 269 4.64 14.80 16.90
N SER A 270 4.43 14.59 15.61
CA SER A 270 3.99 15.68 14.74
C SER A 270 2.88 15.33 13.75
N GLU A 271 2.36 16.37 13.11
CA GLU A 271 1.27 16.26 12.14
C GLU A 271 1.68 15.37 10.97
N PRO A 272 0.69 14.72 10.34
CA PRO A 272 1.00 13.90 9.16
C PRO A 272 1.33 14.77 7.94
N THR A 273 1.47 14.14 6.79
CA THR A 273 1.89 14.85 5.60
C THR A 273 0.74 15.04 4.61
N ASP A 274 1.05 15.59 3.43
CA ASP A 274 0.20 15.59 2.24
C ASP A 274 1.02 16.04 1.03
N GLN A 275 0.66 15.55 -0.16
CA GLN A 275 1.42 15.78 -1.40
C GLN A 275 0.87 14.92 -2.53
N ALA A 276 1.37 13.70 -2.56
CA ALA A 276 1.04 12.65 -3.52
C ALA A 276 1.71 11.38 -2.98
N ILE A 277 1.51 11.20 -1.69
CA ILE A 277 1.55 9.91 -1.03
C ILE A 277 0.36 9.10 -1.56
N GLU A 278 -0.65 9.83 -2.03
CA GLU A 278 -1.91 9.25 -2.47
C GLU A 278 -2.00 9.05 -3.96
N GLN A 279 -1.33 9.90 -4.73
CA GLN A 279 -1.61 9.91 -6.17
C GLN A 279 -0.91 8.79 -6.93
N TRP A 280 -1.65 8.27 -7.91
CA TRP A 280 -1.24 7.26 -8.87
C TRP A 280 -0.66 7.96 -10.10
N HIS A 281 0.53 7.56 -10.54
CA HIS A 281 1.06 8.10 -11.79
C HIS A 281 1.20 6.95 -12.77
N PHE A 282 0.93 7.24 -14.05
CA PHE A 282 0.91 6.20 -15.07
C PHE A 282 2.03 6.33 -16.13
N CYS A 283 2.98 5.39 -16.10
CA CYS A 283 3.99 5.24 -17.14
C CYS A 283 4.28 3.73 -17.41
N ASN A 284 4.10 3.29 -18.67
CA ASN A 284 4.18 1.87 -19.05
C ASN A 284 5.46 1.15 -18.56
N MET B 1 -22.38 12.86 9.60
CA MET B 1 -21.52 12.35 10.67
C MET B 1 -21.72 10.85 10.94
N SER B 2 -20.64 10.09 11.04
CA SER B 2 -20.73 8.68 11.43
C SER B 2 -20.10 8.43 12.82
N VAL B 3 -20.59 7.41 13.53
CA VAL B 3 -20.12 7.11 14.89
C VAL B 3 -19.83 5.63 15.10
N GLU B 4 -19.01 5.36 16.11
CA GLU B 4 -18.45 4.02 16.28
C GLU B 4 -18.77 3.42 17.64
N ARG B 5 -18.95 2.11 17.68
CA ARG B 5 -19.29 1.39 18.89
C ARG B 5 -18.56 0.05 18.92
N GLY B 6 -18.37 -0.50 20.11
CA GLY B 6 -17.69 -1.77 20.27
C GLY B 6 -16.18 -1.62 20.11
N THR B 7 -15.48 -2.73 20.12
CA THR B 7 -14.02 -2.70 20.09
C THR B 7 -13.51 -2.85 18.67
N SER B 8 -12.68 -1.91 18.24
CA SER B 8 -12.16 -1.92 16.88
C SER B 8 -11.33 -3.17 16.62
N ASN B 9 -11.15 -3.52 15.35
CA ASN B 9 -10.46 -4.75 14.96
C ASN B 9 -11.02 -5.98 15.66
N SER B 10 -12.33 -6.01 15.85
CA SER B 10 -13.01 -7.18 16.38
C SER B 10 -14.41 -7.26 15.79
N ALA B 11 -15.05 -8.41 15.98
CA ALA B 11 -16.42 -8.64 15.53
C ALA B 11 -17.43 -7.70 16.20
N SER B 12 -17.12 -7.23 17.41
CA SER B 12 -18.06 -6.34 18.11
C SER B 12 -18.02 -4.90 17.58
N TYR B 13 -17.09 -4.62 16.65
CA TYR B 13 -17.00 -3.30 16.02
C TYR B 13 -18.15 -2.97 15.04
N LYS B 14 -18.79 -1.83 15.25
CA LYS B 14 -19.88 -1.37 14.39
C LYS B 14 -19.77 0.13 14.13
N MET B 15 -20.04 0.53 12.89
CA MET B 15 -20.04 1.96 12.56
C MET B 15 -21.38 2.34 11.93
N PHE B 16 -22.07 3.24 12.62
CA PHE B 16 -23.38 3.72 12.20
C PHE B 16 -23.33 5.12 11.60
N LEU B 17 -24.24 5.39 10.68
CA LEU B 17 -24.38 6.73 10.13
C LEU B 17 -25.40 7.55 10.94
N THR B 18 -25.11 8.83 11.14
CA THR B 18 -26.05 9.73 11.80
C THR B 18 -26.30 10.98 10.99
N HIS B 19 -27.45 11.58 11.22
CA HIS B 19 -27.71 12.92 10.75
C HIS B 19 -28.36 13.67 11.90
N GLY B 20 -27.75 14.78 12.31
CA GLY B 20 -28.26 15.60 13.41
C GLY B 20 -28.15 14.91 14.76
N GLY B 21 -27.12 14.07 14.89
CA GLY B 21 -26.92 13.29 16.09
C GLY B 21 -27.93 12.17 16.18
N SER B 22 -28.63 11.89 15.08
CA SER B 22 -29.67 10.88 15.03
C SER B 22 -29.40 9.83 13.95
N PRO B 23 -29.40 8.55 14.35
CA PRO B 23 -28.98 7.45 13.47
C PRO B 23 -29.91 7.21 12.28
N ILE B 24 -29.33 6.93 11.12
CA ILE B 24 -30.08 6.49 9.95
C ILE B 24 -29.40 5.24 9.36
N SER B 25 -30.11 4.51 8.52
CA SER B 25 -29.56 3.31 7.89
C SER B 25 -28.61 3.60 6.73
N TYR B 26 -27.43 2.99 6.73
CA TYR B 26 -26.52 3.10 5.59
C TYR B 26 -27.17 2.55 4.32
N PHE B 27 -27.84 1.41 4.46
CA PHE B 27 -28.47 0.74 3.33
C PHE B 27 -29.59 1.60 2.75
N HIS B 28 -30.56 1.93 3.61
CA HIS B 28 -31.87 2.39 3.15
C HIS B 28 -32.11 3.90 3.14
N ASP B 29 -31.42 4.61 4.02
CA ASP B 29 -31.78 6.01 4.33
C ASP B 29 -30.92 7.04 3.58
N VAL B 30 -29.90 6.57 2.86
CA VAL B 30 -29.07 7.44 2.05
C VAL B 30 -29.59 7.43 0.63
N PRO B 31 -29.96 8.60 0.09
CA PRO B 31 -30.47 8.63 -1.29
C PRO B 31 -29.43 8.16 -2.32
N LEU B 32 -29.88 7.33 -3.26
CA LEU B 32 -29.03 6.87 -4.35
C LEU B 32 -28.44 8.03 -5.14
N PHE B 33 -29.26 9.03 -5.46
CA PHE B 33 -28.74 10.18 -6.18
C PHE B 33 -28.41 11.27 -5.19
N ALA B 34 -27.19 11.79 -5.28
CA ALA B 34 -26.83 12.99 -4.53
C ALA B 34 -27.45 14.22 -5.21
N ASP B 35 -27.45 14.24 -6.53
CA ASP B 35 -27.99 15.38 -7.27
C ASP B 35 -28.76 14.93 -8.51
N ALA B 36 -30.07 14.72 -8.34
CA ALA B 36 -31.00 14.49 -9.44
C ALA B 36 -30.52 13.40 -10.41
N THR B 37 -31.07 13.39 -11.61
CA THR B 37 -30.47 12.57 -12.67
C THR B 37 -29.46 13.43 -13.42
N ASN B 38 -28.70 14.24 -12.70
CA ASN B 38 -27.48 14.82 -13.25
C ASN B 38 -26.27 13.96 -12.87
N ASN B 39 -26.61 12.67 -12.89
CA ASN B 39 -25.69 11.55 -12.85
C ASN B 39 -24.66 11.68 -11.74
N CYS B 40 -25.14 12.16 -10.61
CA CYS B 40 -24.35 12.23 -9.41
C CYS B 40 -24.95 11.31 -8.35
N TYR B 41 -24.22 10.25 -8.04
CA TYR B 41 -24.66 9.23 -7.10
C TYR B 41 -23.99 9.38 -5.74
N ASN B 42 -24.63 8.86 -4.71
CA ASN B 42 -24.02 8.78 -3.38
C ASN B 42 -23.30 7.46 -3.27
N MET B 43 -22.03 7.51 -2.88
CA MET B 43 -21.36 6.26 -2.62
C MET B 43 -21.12 6.11 -1.12
N ILE B 44 -21.36 4.91 -0.60
CA ILE B 44 -20.92 4.59 0.74
C ILE B 44 -19.57 3.89 0.63
N VAL B 45 -18.54 4.53 1.19
CA VAL B 45 -17.21 3.96 1.19
C VAL B 45 -17.08 2.96 2.33
N GLU B 46 -16.92 1.68 1.97
CA GLU B 46 -16.73 0.63 2.96
C GLU B 46 -15.24 0.41 3.25
N ILE B 47 -14.39 0.51 2.24
CA ILE B 47 -13.00 0.05 2.30
C ILE B 47 -12.06 1.07 1.63
N PRO B 48 -11.22 1.77 2.43
CA PRO B 48 -10.18 2.67 1.89
C PRO B 48 -9.18 1.97 0.92
N ARG B 49 -8.70 2.70 -0.07
CA ARG B 49 -7.72 2.15 -1.02
C ARG B 49 -6.48 1.70 -0.26
N TRP B 50 -5.93 0.53 -0.64
CA TRP B 50 -4.65 0.01 -0.13
C TRP B 50 -4.79 -0.56 1.29
N THR B 51 -6.04 -0.84 1.64
CA THR B 51 -6.44 -1.46 2.90
C THR B 51 -6.78 -2.94 2.64
N ASN B 52 -6.80 -3.78 3.68
CA ASN B 52 -7.12 -5.21 3.49
C ASN B 52 -8.32 -5.72 4.25
N ALA B 53 -8.79 -4.97 5.24
CA ALA B 53 -9.93 -5.42 6.04
C ALA B 53 -11.21 -5.32 5.21
N LYS B 54 -11.93 -6.43 5.13
CA LYS B 54 -13.17 -6.46 4.38
C LYS B 54 -14.35 -5.97 5.25
N MET B 55 -14.60 -4.67 5.18
CA MET B 55 -15.74 -4.05 5.86
C MET B 55 -16.93 -4.11 4.94
N GLU B 56 -18.12 -4.36 5.49
CA GLU B 56 -19.34 -4.40 4.72
C GLU B 56 -20.47 -3.74 5.49
N ILE B 57 -21.39 -3.10 4.77
CA ILE B 57 -22.66 -2.71 5.34
C ILE B 57 -23.38 -3.98 5.74
N CYS B 58 -23.82 -4.06 7.00
CA CYS B 58 -24.46 -5.26 7.51
C CYS B 58 -25.98 -5.24 7.28
N LYS B 59 -26.48 -6.20 6.50
CA LYS B 59 -27.90 -6.29 6.17
C LYS B 59 -28.74 -6.91 7.28
N GLU B 60 -28.07 -7.57 8.21
CA GLU B 60 -28.73 -8.45 9.17
C GLU B 60 -28.90 -7.79 10.53
N GLU B 61 -28.45 -6.55 10.66
CA GLU B 61 -28.52 -5.82 11.91
C GLU B 61 -29.22 -4.47 11.75
N LEU B 62 -29.95 -4.07 12.79
CA LEU B 62 -30.73 -2.84 12.80
C LEU B 62 -29.86 -1.60 12.57
N MET B 63 -30.34 -0.73 11.69
CA MET B 63 -29.63 0.47 11.20
C MET B 63 -28.49 0.13 10.22
N ASN B 64 -28.28 -1.15 9.94
CA ASN B 64 -27.30 -1.58 8.93
C ASN B 64 -25.91 -0.96 9.12
N PRO B 65 -25.29 -1.17 10.28
CA PRO B 65 -23.95 -0.59 10.44
C PRO B 65 -22.93 -1.26 9.55
N ILE B 66 -21.83 -0.55 9.29
CA ILE B 66 -20.65 -1.16 8.68
C ILE B 66 -19.89 -1.95 9.74
N LYS B 67 -19.58 -3.20 9.43
CA LYS B 67 -18.86 -4.08 10.34
C LYS B 67 -17.85 -4.95 9.60
N HIS B 68 -17.02 -5.64 10.36
CA HIS B 68 -16.06 -6.54 9.74
C HIS B 68 -16.80 -7.73 9.18
N ASP B 69 -16.48 -8.11 7.95
CA ASP B 69 -16.95 -9.38 7.46
C ASP B 69 -16.19 -10.47 8.21
N VAL B 70 -16.84 -11.61 8.43
CA VAL B 70 -16.14 -12.72 9.07
C VAL B 70 -16.21 -13.99 8.23
N LYS B 71 -15.12 -14.74 8.27
CA LYS B 71 -15.03 -16.06 7.64
C LYS B 71 -14.42 -17.02 8.66
N ASN B 72 -14.99 -18.23 8.75
CA ASN B 72 -14.52 -19.30 9.63
C ASN B 72 -14.81 -19.04 11.11
N ASN B 73 -15.21 -17.79 11.41
CA ASN B 73 -15.41 -17.19 12.75
C ASN B 73 -14.24 -16.26 13.09
N LYS B 74 -13.49 -15.86 12.06
CA LYS B 74 -12.31 -15.01 12.22
C LYS B 74 -12.52 -13.73 11.38
N LEU B 75 -11.82 -12.65 11.69
CA LEU B 75 -11.95 -11.42 10.88
C LEU B 75 -11.38 -11.59 9.48
N ARG B 76 -12.17 -11.26 8.47
CA ARG B 76 -11.73 -11.47 7.08
C ARG B 76 -10.92 -10.33 6.50
N TYR B 77 -9.75 -10.70 5.97
CA TYR B 77 -8.83 -9.79 5.31
C TYR B 77 -8.58 -10.30 3.90
N ILE B 78 -8.60 -9.42 2.90
CA ILE B 78 -8.35 -9.92 1.56
C ILE B 78 -6.85 -10.04 1.33
N TYR B 79 -6.48 -10.81 0.32
CA TYR B 79 -5.08 -11.07 0.03
C TYR B 79 -4.45 -9.98 -0.82
N ASN B 80 -3.13 -9.86 -0.71
CA ASN B 80 -2.38 -9.03 -1.63
C ASN B 80 -1.99 -9.93 -2.80
N VAL B 81 -2.65 -9.76 -3.95
CA VAL B 81 -2.26 -10.49 -5.15
C VAL B 81 -1.41 -9.61 -6.05
N PHE B 82 -0.15 -10.04 -6.24
CA PHE B 82 0.86 -9.26 -6.92
C PHE B 82 0.33 -8.80 -8.26
N PRO B 83 0.49 -7.51 -8.59
CA PRO B 83 1.30 -6.51 -7.89
C PRO B 83 0.49 -5.60 -6.97
N HIS B 84 -0.71 -6.04 -6.64
CA HIS B 84 -1.61 -5.14 -5.95
C HIS B 84 -1.47 -5.28 -4.43
N LYS B 85 -1.64 -4.14 -3.76
CA LYS B 85 -1.65 -4.07 -2.32
C LYS B 85 -3.08 -3.82 -1.87
N GLY B 86 -3.74 -4.87 -1.38
CA GLY B 86 -5.09 -4.73 -0.85
C GLY B 86 -6.09 -4.37 -1.92
N TYR B 87 -7.09 -3.57 -1.54
CA TYR B 87 -8.07 -3.06 -2.51
C TYR B 87 -7.40 -1.92 -3.26
N ILE B 88 -7.46 -1.92 -4.58
CA ILE B 88 -6.72 -0.88 -5.31
C ILE B 88 -7.58 0.30 -5.69
N TRP B 89 -8.81 0.35 -5.20
CA TRP B 89 -9.69 1.53 -5.25
C TRP B 89 -10.28 1.73 -3.88
N ASN B 90 -10.88 2.90 -3.67
CA ASN B 90 -11.85 3.04 -2.59
C ASN B 90 -13.07 2.22 -2.98
N TYR B 91 -13.39 1.24 -2.15
CA TYR B 91 -14.39 0.24 -2.51
C TYR B 91 -15.59 0.36 -1.59
N GLY B 92 -16.77 0.14 -2.15
CA GLY B 92 -18.00 0.29 -1.40
C GLY B 92 -19.22 0.01 -2.27
N ALA B 93 -20.30 0.76 -2.03
CA ALA B 93 -21.58 0.44 -2.64
C ALA B 93 -22.55 1.63 -2.76
N LEU B 94 -23.53 1.47 -3.64
CA LEU B 94 -24.58 2.45 -3.79
C LEU B 94 -25.74 2.08 -2.88
N PRO B 95 -26.16 3.03 -2.05
CA PRO B 95 -27.34 2.91 -1.19
C PRO B 95 -28.62 2.76 -2.00
N GLN B 96 -29.66 2.18 -1.38
CA GLN B 96 -30.94 1.91 -2.05
C GLN B 96 -30.74 1.14 -3.34
N THR B 97 -29.84 0.16 -3.32
CA THR B 97 -29.75 -0.75 -4.45
C THR B 97 -29.73 -2.15 -3.90
N TRP B 98 -30.15 -3.10 -4.71
CA TRP B 98 -30.16 -4.50 -4.31
C TRP B 98 -29.89 -5.47 -5.47
N GLU B 99 -28.85 -6.27 -5.33
CA GLU B 99 -28.54 -7.37 -6.26
C GLU B 99 -29.44 -8.57 -5.91
N ASP B 100 -30.66 -8.55 -6.43
CA ASP B 100 -31.72 -9.51 -6.11
C ASP B 100 -31.35 -10.96 -6.44
N PRO B 101 -31.31 -11.82 -5.40
CA PRO B 101 -30.95 -13.24 -5.52
C PRO B 101 -32.03 -14.15 -6.17
N SER B 102 -33.25 -13.65 -6.37
CA SER B 102 -34.22 -14.47 -7.09
C SER B 102 -34.27 -14.05 -8.56
N TYR B 103 -33.43 -13.08 -8.93
CA TYR B 103 -33.42 -12.53 -10.29
C TYR B 103 -32.20 -12.96 -11.11
N VAL B 104 -32.46 -13.65 -12.22
CA VAL B 104 -31.41 -14.05 -13.16
C VAL B 104 -31.16 -12.94 -14.18
N ASP B 105 -29.91 -12.51 -14.31
CA ASP B 105 -29.58 -11.51 -15.32
C ASP B 105 -29.25 -12.20 -16.64
N GLU B 106 -29.80 -11.69 -17.75
CA GLU B 106 -29.64 -12.35 -19.05
C GLU B 106 -28.20 -12.29 -19.57
N ASP B 107 -27.37 -11.46 -18.96
CA ASP B 107 -26.02 -11.26 -19.46
C ASP B 107 -24.97 -11.97 -18.61
N THR B 108 -25.30 -12.27 -17.36
CA THR B 108 -24.43 -13.08 -16.53
C THR B 108 -24.99 -14.51 -16.42
N LYS B 109 -26.29 -14.64 -16.67
CA LYS B 109 -27.02 -15.90 -16.55
C LYS B 109 -26.91 -16.47 -15.13
N ALA B 110 -26.80 -15.57 -14.15
CA ALA B 110 -26.72 -15.92 -12.75
C ALA B 110 -27.65 -15.03 -11.92
N LYS B 111 -27.84 -15.39 -10.65
CA LYS B 111 -28.66 -14.61 -9.75
C LYS B 111 -27.81 -13.66 -8.89
N GLY B 112 -28.46 -12.69 -8.24
CA GLY B 112 -27.75 -11.65 -7.49
C GLY B 112 -27.10 -12.12 -6.20
N ASP B 113 -26.08 -11.38 -5.75
CA ASP B 113 -25.33 -11.78 -4.56
C ASP B 113 -25.95 -11.26 -3.27
N ASN B 114 -27.21 -10.81 -3.35
CA ASN B 114 -28.01 -10.43 -2.18
C ASN B 114 -27.52 -9.14 -1.47
N ASP B 115 -26.70 -8.36 -2.15
CA ASP B 115 -26.17 -7.16 -1.54
C ASP B 115 -26.35 -5.94 -2.44
N PRO B 116 -26.17 -4.72 -1.89
CA PRO B 116 -26.17 -3.51 -2.72
C PRO B 116 -25.14 -3.61 -3.84
N ILE B 117 -25.33 -2.85 -4.90
CA ILE B 117 -24.42 -2.88 -6.02
C ILE B 117 -23.07 -2.26 -5.63
N ASP B 118 -22.01 -2.96 -6.03
CA ASP B 118 -20.66 -2.58 -5.64
C ASP B 118 -20.09 -1.44 -6.47
N VAL B 119 -19.24 -0.63 -5.84
CA VAL B 119 -18.59 0.48 -6.53
C VAL B 119 -17.08 0.48 -6.29
N CYS B 120 -16.32 0.75 -7.33
CA CYS B 120 -14.88 1.01 -7.23
C CYS B 120 -14.58 2.48 -7.52
N GLU B 121 -14.26 3.26 -6.49
CA GLU B 121 -13.99 4.67 -6.71
C GLU B 121 -12.48 4.90 -6.93
N ILE B 122 -12.17 5.64 -7.99
CA ILE B 122 -10.80 5.67 -8.52
C ILE B 122 -10.05 6.99 -8.37
N GLY B 123 -10.61 7.93 -7.64
CA GLY B 123 -9.91 9.17 -7.37
C GLY B 123 -8.66 8.95 -6.54
N SER B 124 -7.89 10.02 -6.34
CA SER B 124 -6.58 9.90 -5.73
C SER B 124 -6.67 9.98 -4.21
N LYS B 125 -7.69 10.67 -3.74
CA LYS B 125 -7.93 10.80 -2.31
C LYS B 125 -8.30 9.43 -1.74
N ILE B 126 -7.74 9.09 -0.58
CA ILE B 126 -8.09 7.85 0.10
C ILE B 126 -9.19 8.11 1.11
N TRP B 127 -10.38 7.60 0.82
CA TRP B 127 -11.53 7.85 1.67
C TRP B 127 -11.63 6.87 2.83
N PRO B 128 -11.83 7.38 4.04
CA PRO B 128 -11.98 6.49 5.20
C PRO B 128 -13.31 5.72 5.16
N SER B 129 -13.33 4.58 5.85
CA SER B 129 -14.50 3.72 5.88
C SER B 129 -15.64 4.51 6.51
N GLY B 130 -16.83 4.42 5.90
CA GLY B 130 -17.98 5.07 6.48
C GLY B 130 -18.29 6.38 5.80
N SER B 131 -17.38 6.87 4.98
CA SER B 131 -17.60 8.11 4.23
C SER B 131 -18.78 7.96 3.26
N VAL B 132 -19.48 9.06 3.01
CA VAL B 132 -20.52 9.11 1.99
C VAL B 132 -20.15 10.22 1.00
N ILE B 133 -19.85 9.84 -0.23
CA ILE B 133 -19.37 10.79 -1.20
C ILE B 133 -20.13 10.70 -2.52
N PRO B 134 -20.29 11.84 -3.19
CA PRO B 134 -20.90 11.95 -4.51
C PRO B 134 -19.94 11.49 -5.61
N VAL B 135 -20.41 10.66 -6.51
CA VAL B 135 -19.55 10.15 -7.57
C VAL B 135 -20.25 10.19 -8.92
N LYS B 136 -19.47 10.44 -9.97
CA LYS B 136 -19.89 10.21 -11.35
C LYS B 136 -19.52 8.78 -11.77
N VAL B 137 -20.48 8.02 -12.31
CA VAL B 137 -20.20 6.68 -12.82
C VAL B 137 -19.58 6.82 -14.20
N LEU B 138 -18.63 5.94 -14.52
CA LEU B 138 -17.97 6.00 -15.81
C LEU B 138 -18.22 4.73 -16.61
N GLY B 139 -18.51 3.64 -15.91
CA GLY B 139 -18.72 2.37 -16.57
C GLY B 139 -18.96 1.28 -15.55
N ILE B 140 -18.82 0.02 -15.98
CA ILE B 140 -19.24 -1.09 -15.13
C ILE B 140 -18.65 -2.38 -15.67
N LEU B 141 -18.39 -3.32 -14.76
CA LEU B 141 -17.81 -4.63 -15.11
C LEU B 141 -18.72 -5.76 -14.61
N GLY B 142 -19.04 -6.69 -15.51
CA GLY B 142 -20.00 -7.72 -15.22
C GLY B 142 -19.43 -8.92 -14.50
N MET B 143 -19.00 -8.70 -13.26
CA MET B 143 -18.36 -9.76 -12.53
C MET B 143 -19.39 -10.82 -12.09
N ILE B 144 -19.00 -12.07 -12.33
CA ILE B 144 -19.71 -13.21 -11.80
C ILE B 144 -18.81 -13.73 -10.67
N ASP B 145 -19.16 -13.38 -9.44
CA ASP B 145 -18.33 -13.67 -8.29
C ASP B 145 -18.29 -15.18 -8.08
N GLU B 146 -18.84 -15.70 -7.00
CA GLU B 146 -18.77 -17.16 -6.90
C GLU B 146 -20.03 -17.75 -7.53
N GLY B 147 -20.21 -17.46 -8.81
CA GLY B 147 -21.39 -17.91 -9.54
C GLY B 147 -22.57 -16.98 -9.35
N GLU B 148 -22.34 -15.80 -8.79
CA GLU B 148 -23.43 -14.82 -8.60
C GLU B 148 -23.18 -13.50 -9.32
N THR B 149 -24.25 -12.90 -9.84
CA THR B 149 -24.19 -11.56 -10.43
C THR B 149 -23.63 -10.56 -9.45
N ASP B 150 -22.49 -9.96 -9.80
CA ASP B 150 -21.82 -9.08 -8.88
C ASP B 150 -21.24 -7.84 -9.55
N TRP B 151 -22.09 -7.12 -10.29
CA TRP B 151 -21.67 -5.93 -11.04
C TRP B 151 -20.75 -5.03 -10.21
N LYS B 152 -19.69 -4.55 -10.84
CA LYS B 152 -18.81 -3.58 -10.23
C LYS B 152 -18.86 -2.25 -10.99
N VAL B 153 -19.50 -1.25 -10.40
CA VAL B 153 -19.51 0.09 -10.97
C VAL B 153 -18.15 0.78 -10.85
N ILE B 154 -17.75 1.44 -11.93
CA ILE B 154 -16.56 2.26 -11.94
C ILE B 154 -16.96 3.72 -11.83
N ALA B 155 -16.43 4.39 -10.83
CA ALA B 155 -16.85 5.75 -10.53
C ALA B 155 -15.70 6.63 -10.05
N ILE B 156 -15.96 7.94 -10.06
CA ILE B 156 -15.00 8.85 -9.49
C ILE B 156 -15.69 9.99 -8.73
N ASN B 157 -15.15 10.25 -7.54
CA ASN B 157 -15.52 11.37 -6.72
C ASN B 157 -15.55 12.67 -7.55
N VAL B 158 -16.69 13.35 -7.58
CA VAL B 158 -16.89 14.48 -8.50
C VAL B 158 -16.03 15.71 -8.19
N ALA B 159 -15.37 15.75 -7.04
CA ALA B 159 -14.45 16.85 -6.72
C ALA B 159 -12.99 16.50 -7.04
N ASP B 160 -12.74 15.27 -7.49
CA ASP B 160 -11.42 14.93 -7.98
C ASP B 160 -11.16 15.74 -9.25
N PRO B 161 -9.91 16.24 -9.41
CA PRO B 161 -9.53 17.00 -10.61
C PRO B 161 -9.58 16.20 -11.92
N MET B 162 -9.46 14.87 -11.87
CA MET B 162 -9.61 14.06 -13.09
C MET B 162 -11.08 13.89 -13.53
N ALA B 163 -12.03 14.17 -12.63
CA ALA B 163 -13.45 14.03 -12.92
C ALA B 163 -13.87 14.85 -14.14
N GLU B 164 -13.14 15.94 -14.39
CA GLU B 164 -13.39 16.81 -15.53
C GLU B 164 -12.92 16.19 -16.84
N LYS B 165 -11.76 15.55 -16.82
CA LYS B 165 -11.22 14.92 -18.03
C LYS B 165 -11.80 13.54 -18.28
N LEU B 166 -12.43 12.97 -17.27
CA LEU B 166 -12.96 11.60 -17.37
C LEU B 166 -14.46 11.60 -17.48
N ASN B 167 -14.97 11.51 -18.70
CA ASN B 167 -16.43 11.52 -18.85
C ASN B 167 -17.07 10.17 -19.20
N ASP B 168 -16.31 9.25 -19.79
CA ASP B 168 -16.82 7.88 -20.04
C ASP B 168 -15.68 6.89 -19.86
N ILE B 169 -15.99 5.60 -20.00
CA ILE B 169 -15.09 4.53 -19.61
C ILE B 169 -13.84 4.52 -20.47
N LEU B 170 -14.00 4.93 -21.72
CA LEU B 170 -12.90 5.06 -22.66
C LEU B 170 -11.87 6.08 -22.20
N ASP B 171 -12.33 7.16 -21.57
CA ASP B 171 -11.43 8.19 -21.03
C ASP B 171 -10.53 7.64 -19.96
N VAL B 172 -11.09 6.76 -19.14
CA VAL B 172 -10.36 6.08 -18.07
C VAL B 172 -9.16 5.35 -18.65
N ASP B 173 -9.38 4.65 -19.76
CA ASP B 173 -8.34 3.82 -20.33
C ASP B 173 -7.22 4.67 -20.94
N ALA B 174 -7.60 5.83 -21.49
CA ALA B 174 -6.63 6.70 -22.14
C ALA B 174 -5.70 7.28 -21.10
N HIS B 175 -6.27 7.82 -20.03
CA HIS B 175 -5.51 8.48 -18.97
C HIS B 175 -4.90 7.49 -17.96
N MET B 176 -5.51 6.33 -17.80
CA MET B 176 -4.99 5.38 -16.84
C MET B 176 -4.65 4.05 -17.52
N PRO B 177 -3.61 4.06 -18.39
CA PRO B 177 -3.30 2.84 -19.15
C PRO B 177 -3.01 1.70 -18.20
N GLY B 178 -3.57 0.52 -18.48
CA GLY B 178 -3.38 -0.67 -17.69
C GLY B 178 -4.30 -0.78 -16.49
N PHE B 179 -5.03 0.28 -16.19
CA PHE B 179 -5.85 0.30 -15.00
C PHE B 179 -7.08 -0.59 -15.10
N LEU B 180 -7.74 -0.59 -16.26
CA LEU B 180 -8.92 -1.43 -16.40
C LEU B 180 -8.55 -2.90 -16.34
N LYS B 181 -7.45 -3.26 -17.01
CA LYS B 181 -6.99 -4.64 -17.03
C LYS B 181 -6.64 -5.11 -15.62
N ALA B 182 -5.98 -4.23 -14.86
CA ALA B 182 -5.57 -4.62 -13.52
C ALA B 182 -6.82 -4.84 -12.67
N THR B 183 -7.89 -4.15 -13.04
CA THR B 183 -9.12 -4.20 -12.26
C THR B 183 -9.84 -5.52 -12.46
N ARG B 184 -10.00 -5.94 -13.72
CA ARG B 184 -10.47 -7.30 -14.05
C ARG B 184 -9.62 -8.37 -13.31
N ASP B 185 -8.30 -8.29 -13.47
CA ASP B 185 -7.35 -9.21 -12.84
C ASP B 185 -7.58 -9.33 -11.33
N TRP B 186 -7.74 -8.18 -10.68
CA TRP B 186 -7.99 -8.13 -9.26
C TRP B 186 -9.17 -9.01 -8.92
N PHE B 187 -10.29 -8.80 -9.62
CA PHE B 187 -11.51 -9.52 -9.24
C PHE B 187 -11.46 -10.96 -9.72
N LYS B 188 -10.59 -11.22 -10.69
CA LYS B 188 -10.49 -12.55 -11.24
C LYS B 188 -9.80 -13.51 -10.26
N TYR B 189 -8.74 -13.03 -9.63
CA TYR B 189 -7.79 -13.86 -8.86
C TYR B 189 -7.87 -13.73 -7.33
N TYR B 190 -8.72 -12.84 -6.83
CA TYR B 190 -8.52 -12.40 -5.45
C TYR B 190 -8.94 -13.45 -4.40
N LYS B 191 -9.61 -14.50 -4.85
CA LYS B 191 -9.98 -15.61 -3.98
C LYS B 191 -9.14 -16.86 -4.25
N VAL B 192 -8.30 -16.81 -5.27
CA VAL B 192 -7.43 -17.97 -5.56
C VAL B 192 -6.49 -18.34 -4.40
N PRO B 193 -5.94 -17.34 -3.67
CA PRO B 193 -5.12 -17.82 -2.55
C PRO B 193 -5.93 -18.36 -1.36
N ALA B 194 -7.26 -18.39 -1.47
CA ALA B 194 -8.09 -19.12 -0.50
C ALA B 194 -8.47 -20.51 -1.02
N GLY B 195 -8.03 -20.85 -2.23
CA GLY B 195 -8.34 -22.15 -2.82
C GLY B 195 -9.62 -22.14 -3.65
N LYS B 196 -10.21 -20.96 -3.77
CA LYS B 196 -11.41 -20.76 -4.57
C LYS B 196 -11.05 -20.70 -6.06
N PRO B 197 -12.00 -21.02 -6.94
CA PRO B 197 -11.68 -20.90 -8.37
C PRO B 197 -11.54 -19.44 -8.83
N GLU B 198 -11.02 -19.27 -10.05
CA GLU B 198 -11.01 -17.95 -10.68
C GLU B 198 -12.43 -17.50 -10.93
N ASN B 199 -12.72 -16.23 -10.70
CA ASN B 199 -14.02 -15.70 -11.08
C ASN B 199 -14.09 -15.47 -12.58
N SER B 200 -15.30 -15.40 -13.12
CA SER B 200 -15.48 -15.08 -14.54
C SER B 200 -16.31 -13.79 -14.71
N PHE B 201 -16.63 -13.46 -15.96
CA PHE B 201 -17.18 -12.14 -16.27
C PHE B 201 -18.19 -12.22 -17.41
N ALA B 202 -19.16 -11.31 -17.40
CA ALA B 202 -20.06 -11.15 -18.54
C ALA B 202 -19.32 -10.44 -19.68
N PHE B 203 -19.87 -10.57 -20.89
CA PHE B 203 -19.32 -10.00 -22.11
C PHE B 203 -17.83 -10.27 -22.26
N ASN B 204 -17.41 -11.46 -21.88
CA ASN B 204 -16.00 -11.83 -21.96
C ASN B 204 -15.07 -10.81 -21.26
N GLY B 205 -15.58 -10.14 -20.23
CA GLY B 205 -14.76 -9.25 -19.44
C GLY B 205 -14.73 -7.81 -19.92
N GLU B 206 -15.59 -7.48 -20.88
CA GLU B 206 -15.60 -6.13 -21.42
C GLU B 206 -16.16 -5.13 -20.40
N PHE B 207 -15.40 -4.08 -20.08
CA PHE B 207 -16.00 -2.97 -19.32
C PHE B 207 -17.05 -2.25 -20.19
N LYS B 208 -18.29 -2.16 -19.71
CA LYS B 208 -19.32 -1.47 -20.47
C LYS B 208 -19.38 0.01 -20.04
N ASN B 209 -19.90 0.87 -20.91
CA ASN B 209 -19.81 2.32 -20.68
C ASN B 209 -20.84 2.83 -19.68
N LYS B 210 -20.85 4.15 -19.47
CA LYS B 210 -21.58 4.72 -18.35
C LYS B 210 -23.08 4.70 -18.63
N GLU B 211 -23.44 4.59 -19.90
CA GLU B 211 -24.84 4.47 -20.25
C GLU B 211 -25.39 3.08 -19.92
N PHE B 212 -24.57 2.05 -20.09
CA PHE B 212 -24.99 0.69 -19.73
C PHE B 212 -25.01 0.56 -18.21
N ALA B 213 -24.01 1.11 -17.52
CA ALA B 213 -24.17 1.46 -16.11
C ALA B 213 -25.29 2.52 -16.09
N ALA B 214 -25.72 2.97 -14.93
CA ALA B 214 -26.91 3.81 -14.90
C ALA B 214 -28.14 2.94 -15.17
N LYS B 215 -28.17 2.25 -16.31
CA LYS B 215 -29.26 1.33 -16.58
C LYS B 215 -29.22 0.13 -15.62
N ILE B 216 -28.03 -0.44 -15.42
CA ILE B 216 -27.92 -1.57 -14.50
C ILE B 216 -28.21 -1.12 -13.06
N ILE B 217 -27.63 0.01 -12.70
CA ILE B 217 -27.86 0.64 -11.41
C ILE B 217 -29.35 0.92 -11.15
N SER B 218 -30.01 1.50 -12.15
CA SER B 218 -31.45 1.79 -12.06
C SER B 218 -32.23 0.50 -11.82
N LYS B 219 -31.84 -0.57 -12.51
CA LYS B 219 -32.47 -1.88 -12.27
C LYS B 219 -32.28 -2.37 -10.83
N THR B 220 -31.08 -2.20 -10.27
CA THR B 220 -30.83 -2.64 -8.88
C THR B 220 -31.57 -1.71 -7.91
N HIS B 221 -31.80 -0.47 -8.33
CA HIS B 221 -32.59 0.43 -7.51
C HIS B 221 -34.07 0.02 -7.48
N GLU B 222 -34.61 -0.37 -8.64
CA GLU B 222 -35.97 -0.91 -8.71
C GLU B 222 -36.11 -2.14 -7.81
N HIS B 223 -35.10 -3.00 -7.77
CA HIS B 223 -35.22 -4.18 -6.95
C HIS B 223 -35.24 -3.75 -5.50
N TRP B 224 -34.39 -2.76 -5.18
CA TRP B 224 -34.36 -2.26 -3.81
C TRP B 224 -35.71 -1.64 -3.48
N GLN B 225 -36.24 -0.90 -4.44
CA GLN B 225 -37.52 -0.27 -4.21
C GLN B 225 -38.55 -1.34 -3.93
N LYS B 226 -38.52 -2.45 -4.67
CA LYS B 226 -39.46 -3.55 -4.40
C LYS B 226 -39.22 -4.18 -3.02
N LEU B 227 -37.96 -4.43 -2.67
CA LEU B 227 -37.61 -4.94 -1.34
C LEU B 227 -38.11 -4.03 -0.24
N ILE B 228 -37.94 -2.72 -0.42
CA ILE B 228 -38.40 -1.77 0.57
C ILE B 228 -39.88 -1.44 0.32
N SER B 229 -40.27 -1.14 -0.93
CA SER B 229 -41.57 -0.50 -1.29
C SER B 229 -42.62 -0.81 -0.29
N THR B 230 -43.05 -2.05 -0.39
CA THR B 230 -43.70 -2.70 0.69
C THR B 230 -42.99 -4.04 0.70
N LYS B 231 -43.23 -4.79 -0.37
CA LYS B 231 -43.20 -6.25 -0.32
C LYS B 231 -43.20 -6.68 1.14
N VAL B 232 -44.38 -6.68 1.74
CA VAL B 232 -44.49 -7.34 3.01
C VAL B 232 -44.26 -8.82 2.71
N GLU B 233 -42.99 -9.16 2.60
CA GLU B 233 -42.59 -10.48 2.15
C GLU B 233 -41.19 -10.76 2.70
N ALA B 234 -41.08 -11.84 3.48
CA ALA B 234 -39.82 -12.21 4.14
C ALA B 234 -38.70 -12.48 3.15
N GLY B 235 -37.78 -11.54 3.00
CA GLY B 235 -36.57 -11.78 2.22
C GLY B 235 -35.47 -12.19 3.19
N PRO B 236 -35.38 -13.49 3.51
CA PRO B 236 -34.75 -14.02 4.73
C PRO B 236 -33.56 -13.22 5.28
N ILE B 237 -33.75 -12.64 6.47
CA ILE B 237 -32.68 -12.11 7.34
C ILE B 237 -32.27 -10.63 7.11
N ILE B 238 -32.48 -10.09 5.91
CA ILE B 238 -32.23 -8.66 5.70
C ILE B 238 -33.17 -7.83 6.59
N ARG B 239 -32.63 -6.87 7.33
CA ARG B 239 -33.49 -5.96 8.07
C ARG B 239 -33.76 -4.71 7.26
N ALA B 240 -35.02 -4.46 6.98
CA ALA B 240 -35.40 -3.43 6.05
C ALA B 240 -35.70 -2.09 6.69
N ASN B 241 -35.47 -2.01 7.97
CA ASN B 241 -35.84 -0.81 8.70
C ASN B 241 -35.27 0.51 8.28
N VAL B 242 -36.07 1.52 8.40
CA VAL B 242 -35.61 2.73 7.87
C VAL B 242 -36.27 3.79 8.62
N THR B 243 -35.85 5.02 8.46
CA THR B 243 -36.33 6.04 9.37
C THR B 243 -36.89 7.34 8.85
N VAL B 244 -37.09 8.25 9.76
CA VAL B 244 -37.74 9.53 9.47
C VAL B 244 -38.86 9.37 8.45
N LYS B 245 -39.36 10.51 8.00
CA LYS B 245 -40.45 10.59 7.06
C LYS B 245 -40.31 11.92 6.31
N GLY B 246 -39.93 11.86 5.04
CA GLY B 246 -39.78 10.63 4.30
C GLY B 246 -38.37 10.08 4.24
N SER B 247 -38.25 8.75 4.15
CA SER B 247 -36.98 8.09 4.22
C SER B 247 -37.22 6.77 4.80
N PRO B 248 -38.05 5.96 4.21
CA PRO B 248 -38.50 6.09 2.84
C PRO B 248 -39.95 6.52 2.66
N TYR B 249 -40.72 6.56 3.70
CA TYR B 249 -41.97 7.25 3.55
C TYR B 249 -43.00 6.32 3.05
N MET B 250 -42.72 5.57 2.03
CA MET B 250 -43.75 4.61 1.71
C MET B 250 -43.65 3.27 2.42
N VAL B 251 -42.52 3.00 3.04
CA VAL B 251 -42.25 1.64 3.42
C VAL B 251 -42.95 1.17 4.63
N SER B 252 -43.31 -0.08 4.56
CA SER B 252 -43.91 -0.78 5.63
C SER B 252 -42.95 -1.07 6.71
N LYS B 253 -41.68 -0.90 6.42
CA LYS B 253 -40.66 -1.37 7.30
C LYS B 253 -40.09 -0.20 8.04
N GLU B 254 -40.70 0.92 7.79
CA GLU B 254 -40.34 2.12 8.47
C GLU B 254 -40.59 2.14 9.94
N ASP B 255 -39.88 3.02 10.59
CA ASP B 255 -40.16 3.34 11.98
C ASP B 255 -39.57 4.73 12.24
N PHE B 256 -39.69 5.21 13.47
CA PHE B 256 -39.26 6.56 13.80
C PHE B 256 -39.45 6.90 15.27
N ILE B 257 -38.43 7.49 15.87
CA ILE B 257 -37.06 7.31 15.41
C ILE B 257 -36.40 6.56 16.56
N ASP B 258 -35.73 5.47 16.21
CA ASP B 258 -35.17 4.54 17.16
C ASP B 258 -34.45 5.21 18.35
N ALA B 259 -33.23 5.69 18.10
CA ALA B 259 -32.34 6.33 19.08
C ALA B 259 -31.97 5.37 20.21
N LEU B 260 -32.99 4.86 20.91
CA LEU B 260 -32.80 4.03 22.10
C LEU B 260 -31.87 2.83 21.91
N GLN B 261 -32.06 2.06 20.85
CA GLN B 261 -31.32 0.82 20.69
C GLN B 261 -29.93 1.08 20.11
N LYS B 262 -29.66 2.34 19.80
CA LYS B 262 -28.32 2.78 19.45
C LYS B 262 -27.41 2.75 20.71
N HIS B 263 -27.68 1.80 21.61
CA HIS B 263 -26.93 1.68 22.86
C HIS B 263 -26.32 0.30 23.02
N GLU B 264 -25.24 0.07 22.29
CA GLU B 264 -24.72 -1.28 22.10
C GLU B 264 -23.51 -1.61 22.94
N ASP B 265 -22.54 -0.71 22.93
CA ASP B 265 -21.21 -0.90 23.51
C ASP B 265 -20.40 0.34 23.20
N PHE B 266 -20.02 1.09 24.21
CA PHE B 266 -19.26 2.31 23.95
C PHE B 266 -17.95 1.88 23.30
N LYS B 267 -17.47 2.67 22.36
CA LYS B 267 -16.33 2.29 21.55
C LYS B 267 -15.09 2.07 22.41
N ARG B 268 -14.10 1.37 21.85
CA ARG B 268 -12.83 1.15 22.51
C ARG B 268 -11.76 0.74 21.50
N GLY B 269 -10.62 1.45 21.54
CA GLY B 269 -9.49 1.16 20.67
C GLY B 269 -8.88 -0.18 21.05
N SER B 270 -8.25 -0.87 20.11
CA SER B 270 -7.86 -2.25 20.38
C SER B 270 -6.56 -2.75 19.76
N GLU B 271 -6.30 -4.02 20.02
CA GLU B 271 -5.21 -4.77 19.41
C GLU B 271 -5.44 -4.83 17.91
N PRO B 272 -4.57 -4.19 17.14
CA PRO B 272 -4.74 -4.18 15.68
C PRO B 272 -4.13 -5.43 15.04
N THR B 273 -4.40 -5.63 13.75
CA THR B 273 -3.58 -6.49 12.88
C THR B 273 -3.63 -7.98 13.18
N ASP B 274 -3.62 -8.79 12.12
CA ASP B 274 -3.68 -10.23 12.28
C ASP B 274 -3.09 -11.03 11.11
N GLN B 275 -3.90 -11.20 10.06
CA GLN B 275 -3.73 -12.20 9.00
C GLN B 275 -2.61 -11.92 7.98
N ALA B 276 -3.01 -11.89 6.70
CA ALA B 276 -2.15 -11.70 5.53
C ALA B 276 -2.35 -10.29 5.00
N ILE B 277 -2.32 -9.38 5.95
CA ILE B 277 -2.20 -7.96 5.65
C ILE B 277 -0.86 -7.77 4.92
N GLU B 278 0.12 -8.59 5.25
CA GLU B 278 1.49 -8.35 4.78
C GLU B 278 1.91 -9.16 3.56
N GLN B 279 1.39 -10.37 3.37
CA GLN B 279 2.02 -11.28 2.40
C GLN B 279 1.58 -11.09 0.96
N TRP B 280 2.55 -11.24 0.05
CA TRP B 280 2.38 -11.22 -1.41
C TRP B 280 2.00 -12.62 -1.93
N HIS B 281 0.98 -12.72 -2.77
CA HIS B 281 0.61 -13.98 -3.40
C HIS B 281 0.76 -13.84 -4.89
N PHE B 282 1.32 -14.86 -5.52
CA PHE B 282 1.56 -14.82 -6.95
C PHE B 282 0.64 -15.77 -7.71
N CYS B 283 -0.38 -15.21 -8.37
CA CYS B 283 -1.41 -15.98 -9.08
C CYS B 283 -1.58 -15.52 -10.53
CO CO C . 22.05 4.57 -3.89
CO CO D . 20.73 4.40 -0.98
CO CO E . 20.83 8.69 -2.14
CO CO F . 19.40 5.70 -6.31
P PO4 G . 20.18 5.79 -2.92
O1 PO4 G . 19.23 4.82 -2.27
O2 PO4 G . 20.14 5.51 -4.40
O3 PO4 G . 21.59 5.57 -2.44
O4 PO4 G . 19.75 7.21 -2.64
CO CO H . -21.31 -7.52 -4.35
CO CO I . -20.49 -5.44 -1.62
CO CO J . -20.44 -10.00 0.21
CO CO K . -18.40 -10.01 -4.29
P PO4 L . -19.65 -7.77 -2.18
O1 PO4 L . -18.78 -6.51 -2.11
O2 PO4 L . -19.23 -8.55 -3.40
O3 PO4 L . -21.11 -7.42 -2.29
O4 PO4 L . -19.41 -8.60 -0.97
#